data_6DB0
#
_entry.id   6DB0
#
_cell.length_a   114.316
_cell.length_b   55.796
_cell.length_c   68.363
_cell.angle_alpha   90.000
_cell.angle_beta   94.580
_cell.angle_gamma   90.000
#
_symmetry.space_group_name_H-M   'C 1 2 1'
#
loop_
_entity.id
_entity.type
_entity.pdbx_description
1 polymer 'Bromodomain-containing protein 2'
2 non-polymer 'SULFATE ION'
3 non-polymer 1-[(2S,4R)-4-[(2-chlorophenyl)amino]-2-methyl-6-(1H-pyrazol-3-yl)-3,4-dihydroquinolin-1(2H)-yl]ethan-1-one
4 non-polymer '4-(2-HYDROXYETHYL)-1-PIPERAZINE ETHANESULFONIC ACID'
5 non-polymer 1,2-ETHANEDIOL
6 water water
#
_entity_poly.entity_id   1
_entity_poly.type   'polypeptide(L)'
_entity_poly.pdbx_seq_one_letter_code
;GSHMSNPKKPGRVTNQLQYLHKVVMKALWKHQFAWPFRQPVDAVKLGLPDYHKIIKQPMDMGTIKRRLENNYYWAASECM
QDFNTMFTNCYIYNKPTDDIVLMAQTLEKIFLQKVASMPQEEQELVVTIPKNSHKKGA
;
_entity_poly.pdbx_strand_id   A,B,C
#
loop_
_chem_comp.id
_chem_comp.type
_chem_comp.name
_chem_comp.formula
EDO non-polymer 1,2-ETHANEDIOL 'C2 H6 O2'
EPE non-polymer '4-(2-HYDROXYETHYL)-1-PIPERAZINE ETHANESULFONIC ACID' 'C8 H18 N2 O4 S'
G3J non-polymer 1-[(2S,4R)-4-[(2-chlorophenyl)amino]-2-methyl-6-(1H-pyrazol-3-yl)-3,4-dihydroquinolin-1(2H)-yl]ethan-1-one 'C21 H21 Cl N4 O'
SO4 non-polymer 'SULFATE ION' 'O4 S -2'
#
# COMPACT_ATOMS: atom_id res chain seq x y z
N VAL A 13 -8.58 -16.25 0.05
CA VAL A 13 -7.45 -15.59 -0.63
C VAL A 13 -7.92 -14.91 -1.92
N THR A 14 -7.56 -13.63 -2.07
CA THR A 14 -7.78 -12.88 -3.31
C THR A 14 -6.46 -12.24 -3.73
N ASN A 15 -6.43 -11.81 -4.99
CA ASN A 15 -5.29 -11.03 -5.50
C ASN A 15 -4.96 -9.87 -4.57
N GLN A 16 -5.99 -9.14 -4.12
CA GLN A 16 -5.72 -7.96 -3.31
C GLN A 16 -5.23 -8.33 -1.91
N LEU A 17 -5.78 -9.38 -1.32
CA LEU A 17 -5.33 -9.76 0.01
C LEU A 17 -3.91 -10.32 -0.04
N GLN A 18 -3.57 -11.01 -1.12
CA GLN A 18 -2.20 -11.46 -1.32
C GLN A 18 -1.25 -10.27 -1.39
N TYR A 19 -1.64 -9.22 -2.12
CA TYR A 19 -0.84 -8.00 -2.14
C TYR A 19 -0.72 -7.40 -0.75
N LEU A 20 -1.83 -7.33 -0.01
CA LEU A 20 -1.77 -6.74 1.33
C LEU A 20 -0.84 -7.52 2.24
N HIS A 21 -0.78 -8.85 2.07
CA HIS A 21 0.12 -9.64 2.90
C HIS A 21 1.58 -9.55 2.43
N LYS A 22 1.82 -9.79 1.14
CA LYS A 22 3.17 -9.94 0.60
C LYS A 22 3.91 -8.62 0.39
N VAL A 23 3.18 -7.53 0.16
CA VAL A 23 3.78 -6.23 -0.12
C VAL A 23 3.59 -5.30 1.07
N VAL A 24 2.34 -5.06 1.49
CA VAL A 24 2.06 -4.04 2.49
C VAL A 24 2.50 -4.49 3.88
N MET A 25 1.97 -5.64 4.35
CA MET A 25 2.37 -6.10 5.68
C MET A 25 3.87 -6.42 5.75
N LYS A 26 4.42 -6.99 4.68
CA LYS A 26 5.87 -7.26 4.67
C LYS A 26 6.65 -5.99 4.93
N ALA A 27 6.30 -4.88 4.24
CA ALA A 27 7.04 -3.64 4.38
C ALA A 27 6.85 -3.01 5.77
N LEU A 28 5.61 -3.05 6.27
CA LEU A 28 5.31 -2.37 7.54
C LEU A 28 5.90 -3.15 8.72
N TRP A 29 5.81 -4.48 8.65
CA TRP A 29 6.16 -5.30 9.83
C TRP A 29 7.62 -5.14 10.21
N LYS A 30 8.50 -5.03 9.22
CA LYS A 30 9.92 -4.98 9.48
C LYS A 30 10.46 -3.56 9.59
N HIS A 31 9.59 -2.56 9.47
CA HIS A 31 10.02 -1.17 9.55
C HIS A 31 10.57 -0.83 10.93
N GLN A 32 11.58 0.05 10.97
CA GLN A 32 12.19 0.39 12.26
C GLN A 32 11.23 1.11 13.21
N PHE A 33 10.13 1.67 12.72
CA PHE A 33 9.15 2.33 13.60
C PHE A 33 7.96 1.44 13.91
N ALA A 34 8.01 0.17 13.50
CA ALA A 34 6.85 -0.70 13.66
C ALA A 34 6.70 -1.23 15.09
N TRP A 35 7.77 -1.25 15.89
CA TRP A 35 7.69 -2.02 17.14
C TRP A 35 6.54 -1.62 18.07
N PRO A 36 6.13 -0.35 18.21
CA PRO A 36 5.00 -0.07 19.11
C PRO A 36 3.69 -0.68 18.62
N PHE A 37 3.62 -1.09 17.36
CA PHE A 37 2.38 -1.51 16.71
C PHE A 37 2.31 -3.02 16.48
N ARG A 38 3.34 -3.77 16.84
CA ARG A 38 3.36 -5.19 16.52
C ARG A 38 2.51 -6.05 17.47
N GLN A 39 2.09 -5.52 18.60
CA GLN A 39 1.26 -6.26 19.55
C GLN A 39 0.19 -5.31 20.06
N PRO A 40 -0.91 -5.82 20.61
CA PRO A 40 -1.92 -4.92 21.15
C PRO A 40 -1.32 -4.00 22.20
N VAL A 41 -1.87 -2.78 22.27
CA VAL A 41 -1.54 -1.85 23.35
C VAL A 41 -1.84 -2.51 24.68
N ASP A 42 -0.82 -2.59 25.54
CA ASP A 42 -0.98 -3.13 26.89
C ASP A 42 -1.10 -1.94 27.86
N ALA A 43 -2.33 -1.59 28.21
CA ALA A 43 -2.56 -0.39 28.99
C ALA A 43 -2.01 -0.50 30.41
N VAL A 44 -1.91 -1.71 30.94
CA VAL A 44 -1.29 -1.88 32.26
C VAL A 44 0.22 -1.64 32.16
N LYS A 45 0.88 -2.33 31.22
CA LYS A 45 2.32 -2.15 31.05
C LYS A 45 2.67 -0.69 30.82
N LEU A 46 1.87 0.03 30.03
CA LEU A 46 2.14 1.41 29.65
C LEU A 46 1.62 2.44 30.65
N GLY A 47 0.84 2.01 31.64
CA GLY A 47 0.30 2.95 32.62
C GLY A 47 -0.73 3.90 32.04
N LEU A 48 -1.67 3.37 31.25
CA LEU A 48 -2.67 4.16 30.55
C LEU A 48 -4.06 3.70 30.95
N PRO A 49 -4.50 4.01 32.18
CA PRO A 49 -5.79 3.46 32.65
C PRO A 49 -7.00 3.98 31.90
N ASP A 50 -6.86 5.01 31.07
CA ASP A 50 -7.98 5.50 30.29
C ASP A 50 -7.97 5.01 28.85
N TYR A 51 -6.96 4.23 28.45
CA TYR A 51 -6.83 3.86 27.04
C TYR A 51 -8.11 3.22 26.52
N HIS A 52 -8.63 2.23 27.24
CA HIS A 52 -9.79 1.52 26.72
C HIS A 52 -11.08 2.27 26.95
N LYS A 53 -11.06 3.36 27.70
CA LYS A 53 -12.23 4.21 27.77
C LYS A 53 -12.33 5.15 26.57
N ILE A 54 -11.20 5.43 25.93
CA ILE A 54 -11.17 6.32 24.78
C ILE A 54 -11.18 5.53 23.47
N ILE A 55 -10.40 4.46 23.43
CA ILE A 55 -10.24 3.62 22.25
C ILE A 55 -11.12 2.39 22.42
N LYS A 56 -12.18 2.31 21.64
CA LYS A 56 -13.18 1.25 21.79
C LYS A 56 -12.93 0.05 20.87
N GLN A 57 -12.14 0.22 19.80
CA GLN A 57 -11.75 -0.88 18.91
C GLN A 57 -10.23 -0.94 18.78
N PRO A 58 -9.55 -1.56 19.73
CA PRO A 58 -8.09 -1.68 19.60
C PRO A 58 -7.71 -2.50 18.36
N MET A 59 -6.56 -2.15 17.76
CA MET A 59 -6.07 -2.91 16.62
C MET A 59 -4.57 -2.76 16.55
N ASP A 60 -3.90 -3.79 16.03
CA ASP A 60 -2.44 -3.79 15.98
C ASP A 60 -2.00 -4.67 14.83
N MET A 61 -0.73 -4.54 14.44
CA MET A 61 -0.23 -5.26 13.27
C MET A 61 -0.15 -6.76 13.49
N GLY A 62 0.13 -7.20 14.72
CA GLY A 62 0.17 -8.64 14.96
C GLY A 62 -1.19 -9.28 14.72
N THR A 63 -2.26 -8.58 15.11
CA THR A 63 -3.61 -9.08 14.86
C THR A 63 -3.91 -9.13 13.37
N ILE A 64 -3.56 -8.06 12.63
CA ILE A 64 -3.78 -8.06 11.18
C ILE A 64 -2.96 -9.16 10.52
N LYS A 65 -1.69 -9.29 10.90
CA LYS A 65 -0.86 -10.33 10.31
C LYS A 65 -1.44 -11.71 10.55
N ARG A 66 -1.91 -11.99 11.77
CA ARG A 66 -2.52 -13.29 12.04
C ARG A 66 -3.79 -13.47 11.20
N ARG A 67 -4.57 -12.40 11.02
CA ARG A 67 -5.79 -12.51 10.24
C ARG A 67 -5.48 -12.75 8.76
N LEU A 68 -4.40 -12.16 8.25
CA LEU A 68 -3.99 -12.46 6.88
C LEU A 68 -3.52 -13.90 6.76
N GLU A 69 -2.71 -14.37 7.72
CA GLU A 69 -2.21 -15.75 7.67
C GLU A 69 -3.34 -16.76 7.76
N ASN A 70 -4.43 -16.40 8.45
CA ASN A 70 -5.51 -17.33 8.73
C ASN A 70 -6.70 -17.18 7.78
N ASN A 71 -6.58 -16.40 6.71
CA ASN A 71 -7.68 -16.21 5.76
C ASN A 71 -8.95 -15.73 6.46
N TYR A 72 -8.77 -14.80 7.42
CA TYR A 72 -9.89 -14.26 8.17
C TYR A 72 -10.71 -13.28 7.33
N TYR A 73 -10.05 -12.50 6.47
CA TYR A 73 -10.70 -11.43 5.75
C TYR A 73 -11.45 -11.95 4.52
N TRP A 74 -12.63 -11.38 4.29
CA TRP A 74 -13.43 -11.70 3.11
C TRP A 74 -13.14 -10.76 1.94
N ALA A 75 -12.67 -9.55 2.23
CA ALA A 75 -12.40 -8.56 1.21
C ALA A 75 -11.20 -7.72 1.64
N ALA A 76 -10.45 -7.24 0.64
CA ALA A 76 -9.27 -6.41 0.95
C ALA A 76 -9.64 -5.16 1.72
N SER A 77 -10.81 -4.57 1.45
CA SER A 77 -11.18 -3.34 2.17
C SER A 77 -11.32 -3.59 3.67
N GLU A 78 -11.67 -4.81 4.08
CA GLU A 78 -11.75 -5.13 5.50
C GLU A 78 -10.37 -5.04 6.17
N CYS A 79 -9.34 -5.57 5.51
CA CYS A 79 -7.97 -5.46 6.01
C CYS A 79 -7.51 -4.01 6.02
N MET A 80 -7.83 -3.26 4.95
CA MET A 80 -7.45 -1.86 4.91
C MET A 80 -8.10 -1.09 6.06
N GLN A 81 -9.35 -1.43 6.40
CA GLN A 81 -9.99 -0.74 7.52
C GLN A 81 -9.28 -1.05 8.83
N ASP A 82 -8.77 -2.29 9.00
CA ASP A 82 -8.04 -2.59 10.24
C ASP A 82 -6.75 -1.80 10.34
N PHE A 83 -5.98 -1.71 9.25
CA PHE A 83 -4.83 -0.81 9.26
C PHE A 83 -5.23 0.60 9.65
N ASN A 84 -6.30 1.10 9.03
CA ASN A 84 -6.74 2.46 9.31
C ASN A 84 -7.12 2.64 10.77
N THR A 85 -7.82 1.66 11.34
CA THR A 85 -8.21 1.76 12.74
C THR A 85 -6.99 1.81 13.65
N MET A 86 -5.98 1.00 13.35
CA MET A 86 -4.75 1.01 14.14
C MET A 86 -4.11 2.40 14.17
N PHE A 87 -4.02 3.05 13.00
CA PHE A 87 -3.37 4.37 12.95
C PHE A 87 -4.25 5.42 13.59
N THR A 88 -5.55 5.38 13.29
CA THR A 88 -6.48 6.37 13.81
C THR A 88 -6.52 6.32 15.33
N ASN A 89 -6.48 5.11 15.92
CA ASN A 89 -6.50 5.03 17.38
C ASN A 89 -5.33 5.79 17.97
N CYS A 90 -4.19 5.70 17.31
CA CYS A 90 -2.99 6.37 17.81
C CYS A 90 -3.15 7.89 17.77
N TYR A 91 -3.66 8.41 16.64
CA TYR A 91 -3.88 9.85 16.53
C TYR A 91 -4.90 10.36 17.52
N ILE A 92 -5.98 9.58 17.77
CA ILE A 92 -7.03 10.03 18.66
C ILE A 92 -6.54 10.03 20.10
N TYR A 93 -5.85 8.96 20.52
CA TYR A 93 -5.50 8.79 21.92
C TYR A 93 -4.33 9.67 22.35
N ASN A 94 -3.28 9.72 21.52
CA ASN A 94 -2.02 10.28 21.99
C ASN A 94 -2.00 11.81 21.87
N LYS A 95 -1.08 12.43 22.62
CA LYS A 95 -0.88 13.87 22.50
C LYS A 95 -0.25 14.17 21.14
N PRO A 96 -0.60 15.30 20.51
CA PRO A 96 -0.04 15.62 19.19
C PRO A 96 1.48 15.58 19.13
N THR A 97 2.16 15.95 20.21
CA THR A 97 3.62 16.03 20.29
C THR A 97 4.28 14.70 20.64
N ASP A 98 3.51 13.63 20.83
CA ASP A 98 4.11 12.34 21.18
C ASP A 98 4.84 11.76 19.98
N ASP A 99 6.02 11.17 20.21
CA ASP A 99 6.77 10.56 19.10
C ASP A 99 5.99 9.47 18.40
N ILE A 100 5.11 8.77 19.12
CA ILE A 100 4.39 7.66 18.49
C ILE A 100 3.53 8.16 17.33
N VAL A 101 3.05 9.40 17.42
CA VAL A 101 2.25 9.98 16.35
C VAL A 101 3.07 10.16 15.09
N LEU A 102 4.33 10.59 15.23
CA LEU A 102 5.23 10.67 14.08
C LEU A 102 5.51 9.30 13.51
N MET A 103 5.72 8.30 14.39
CA MET A 103 5.95 6.95 13.89
C MET A 103 4.74 6.43 13.10
N ALA A 104 3.53 6.64 13.63
CA ALA A 104 2.33 6.19 12.93
C ALA A 104 2.20 6.91 11.58
N GLN A 105 2.45 8.22 11.56
CA GLN A 105 2.35 8.94 10.29
C GLN A 105 3.30 8.37 9.24
N THR A 106 4.54 8.04 9.66
CA THR A 106 5.51 7.48 8.72
C THR A 106 5.04 6.16 8.13
N LEU A 107 4.53 5.28 8.99
CA LEU A 107 4.03 3.97 8.56
C LEU A 107 2.81 4.12 7.70
N GLU A 108 1.94 5.08 8.04
CA GLU A 108 0.71 5.24 7.26
C GLU A 108 1.02 5.74 5.87
N LYS A 109 2.05 6.59 5.72
CA LYS A 109 2.38 7.05 4.40
C LYS A 109 2.87 5.88 3.54
N ILE A 110 3.63 4.96 4.14
CA ILE A 110 4.06 3.78 3.41
C ILE A 110 2.86 2.93 3.01
N PHE A 111 1.94 2.75 3.95
CA PHE A 111 0.71 2.00 3.69
C PHE A 111 -0.02 2.58 2.47
N LEU A 112 -0.20 3.90 2.44
CA LEU A 112 -0.92 4.51 1.33
C LEU A 112 -0.13 4.42 0.03
N GLN A 113 1.20 4.62 0.09
CA GLN A 113 2.00 4.47 -1.11
C GLN A 113 1.84 3.08 -1.71
N LYS A 114 1.84 2.06 -0.86
CA LYS A 114 1.74 0.70 -1.39
C LYS A 114 0.34 0.41 -1.87
N VAL A 115 -0.67 0.93 -1.17
CA VAL A 115 -2.05 0.66 -1.57
C VAL A 115 -2.38 1.33 -2.90
N ALA A 116 -1.66 2.39 -3.26
CA ALA A 116 -1.85 3.01 -4.57
C ALA A 116 -1.59 2.05 -5.74
N SER A 117 -0.80 1.00 -5.54
CA SER A 117 -0.47 0.04 -6.58
C SER A 117 -1.14 -1.32 -6.38
N MET A 118 -2.09 -1.41 -5.47
CA MET A 118 -2.80 -2.66 -5.25
C MET A 118 -3.70 -3.00 -6.44
N PRO A 119 -3.81 -4.26 -6.82
CA PRO A 119 -4.68 -4.62 -7.93
C PRO A 119 -6.15 -4.40 -7.59
N GLN A 120 -6.98 -4.41 -8.64
CA GLN A 120 -8.42 -4.42 -8.47
C GLN A 120 -8.91 -5.85 -8.22
N GLU A 121 -10.11 -5.96 -7.68
CA GLU A 121 -10.71 -7.26 -7.36
C GLU A 121 -10.86 -8.13 -8.60
N PRO B 10 5.75 18.94 -13.98
CA PRO B 10 4.99 19.46 -12.84
C PRO B 10 3.90 18.49 -12.38
N GLY B 11 2.83 18.41 -13.15
CA GLY B 11 1.77 17.47 -12.88
C GLY B 11 1.31 16.82 -14.16
N ARG B 12 0.50 15.78 -14.01
CA ARG B 12 -0.02 15.01 -15.13
C ARG B 12 -1.52 14.79 -14.94
N VAL B 13 -2.14 14.34 -16.02
CA VAL B 13 -3.45 13.69 -15.98
C VAL B 13 -3.20 12.19 -16.12
N THR B 14 -3.68 11.41 -15.15
CA THR B 14 -3.56 9.96 -15.24
C THR B 14 -4.92 9.32 -15.01
N ASN B 15 -5.03 8.05 -15.41
CA ASN B 15 -6.22 7.25 -15.14
C ASN B 15 -6.58 7.27 -13.65
N GLN B 16 -5.57 7.13 -12.80
CA GLN B 16 -5.85 7.08 -11.37
C GLN B 16 -6.24 8.45 -10.81
N LEU B 17 -5.59 9.51 -11.26
CA LEU B 17 -5.96 10.84 -10.76
C LEU B 17 -7.37 11.22 -11.23
N GLN B 18 -7.74 10.77 -12.43
CA GLN B 18 -9.10 10.97 -12.92
C GLN B 18 -10.10 10.23 -12.05
N TYR B 19 -9.76 9.00 -11.64
CA TYR B 19 -10.62 8.23 -10.74
C TYR B 19 -10.73 8.90 -9.37
N LEU B 20 -9.61 9.36 -8.80
CA LEU B 20 -9.70 10.05 -7.51
C LEU B 20 -10.55 11.30 -7.60
N HIS B 21 -10.55 11.97 -8.75
CA HIS B 21 -11.30 13.20 -8.92
C HIS B 21 -12.79 12.92 -9.15
N LYS B 22 -13.09 12.11 -10.14
CA LYS B 22 -14.46 11.96 -10.63
C LYS B 22 -15.24 10.88 -9.89
N VAL B 23 -14.57 10.00 -9.15
CA VAL B 23 -15.23 8.91 -8.45
C VAL B 23 -15.10 9.04 -6.93
N VAL B 24 -13.86 9.15 -6.43
CA VAL B 24 -13.64 9.21 -4.99
C VAL B 24 -14.04 10.58 -4.44
N MET B 25 -13.46 11.64 -5.00
CA MET B 25 -13.73 12.97 -4.43
C MET B 25 -15.20 13.34 -4.63
N LYS B 26 -15.79 12.97 -5.78
CA LYS B 26 -17.20 13.25 -6.02
C LYS B 26 -18.08 12.64 -4.93
N ALA B 27 -17.78 11.41 -4.53
CA ALA B 27 -18.59 10.71 -3.54
C ALA B 27 -18.42 11.29 -2.14
N LEU B 28 -17.18 11.62 -1.77
CA LEU B 28 -16.95 12.23 -0.47
C LEU B 28 -17.54 13.64 -0.40
N TRP B 29 -17.40 14.42 -1.46
CA TRP B 29 -17.79 15.82 -1.42
C TRP B 29 -19.28 15.98 -1.08
N LYS B 30 -20.14 15.15 -1.69
CA LYS B 30 -21.58 15.26 -1.52
C LYS B 30 -22.09 14.62 -0.24
N HIS B 31 -21.23 13.96 0.52
CA HIS B 31 -21.69 13.22 1.71
C HIS B 31 -22.23 14.19 2.76
N GLN B 32 -23.24 13.73 3.51
CA GLN B 32 -23.84 14.62 4.51
C GLN B 32 -22.87 15.04 5.62
N PHE B 33 -21.75 14.35 5.80
CA PHE B 33 -20.78 14.70 6.83
C PHE B 33 -19.61 15.49 6.28
N ALA B 34 -19.65 15.86 5.00
CA ALA B 34 -18.48 16.46 4.33
C ALA B 34 -18.37 17.95 4.55
N TRP B 35 -19.44 18.63 4.94
CA TRP B 35 -19.42 20.10 4.97
C TRP B 35 -18.27 20.70 5.80
N PRO B 36 -17.80 20.15 6.92
CA PRO B 36 -16.66 20.79 7.60
C PRO B 36 -15.37 20.69 6.83
N PHE B 37 -15.30 19.83 5.82
CA PHE B 37 -14.05 19.52 5.13
C PHE B 37 -13.94 20.10 3.74
N ARG B 38 -14.95 20.82 3.24
CA ARG B 38 -14.91 21.33 1.87
C ARG B 38 -14.07 22.58 1.70
N GLN B 39 -13.64 23.21 2.77
CA GLN B 39 -12.86 24.45 2.71
C GLN B 39 -11.87 24.42 3.86
N PRO B 40 -10.80 25.22 3.80
CA PRO B 40 -9.82 25.22 4.90
C PRO B 40 -10.49 25.56 6.23
N VAL B 41 -9.95 24.96 7.30
CA VAL B 41 -10.27 25.35 8.66
C VAL B 41 -9.99 26.84 8.84
N ASP B 42 -11.02 27.60 9.23
CA ASP B 42 -10.87 29.03 9.51
C ASP B 42 -10.79 29.20 11.03
N ALA B 43 -9.57 29.24 11.54
CA ALA B 43 -9.37 29.26 13.00
C ALA B 43 -9.95 30.50 13.62
N VAL B 44 -9.90 31.63 12.91
CA VAL B 44 -10.48 32.87 13.43
C VAL B 44 -11.99 32.74 13.55
N LYS B 45 -12.65 32.38 12.46
CA LYS B 45 -14.10 32.22 12.47
C LYS B 45 -14.56 31.20 13.51
N LEU B 46 -13.80 30.12 13.70
CA LEU B 46 -14.17 29.10 14.66
C LEU B 46 -13.67 29.38 16.07
N GLY B 47 -12.89 30.44 16.26
CA GLY B 47 -12.31 30.72 17.57
C GLY B 47 -11.40 29.61 18.08
N LEU B 48 -10.42 29.20 17.28
CA LEU B 48 -9.44 28.18 17.65
C LEU B 48 -8.04 28.78 17.49
N PRO B 49 -7.60 29.63 18.43
CA PRO B 49 -6.30 30.30 18.26
C PRO B 49 -5.12 29.35 18.36
N ASP B 50 -5.32 28.11 18.78
CA ASP B 50 -4.24 27.15 18.83
C ASP B 50 -4.22 26.20 17.63
N TYR B 51 -5.18 26.32 16.70
CA TYR B 51 -5.26 25.34 15.62
C TYR B 51 -3.95 25.28 14.81
N HIS B 52 -3.42 26.44 14.42
CA HIS B 52 -2.24 26.44 13.57
C HIS B 52 -0.95 26.27 14.35
N LYS B 53 -1.01 26.31 15.66
CA LYS B 53 0.16 25.93 16.46
C LYS B 53 0.28 24.43 16.61
N ILE B 54 -0.83 23.71 16.44
CA ILE B 54 -0.83 22.25 16.53
C ILE B 54 -0.72 21.61 15.16
N ILE B 55 -1.49 22.12 14.19
CA ILE B 55 -1.61 21.53 12.87
C ILE B 55 -0.73 22.33 11.93
N LYS B 56 0.36 21.72 11.48
CA LYS B 56 1.38 22.45 10.72
C LYS B 56 1.21 22.33 9.22
N GLN B 57 0.39 21.37 8.75
CA GLN B 57 0.08 21.23 7.33
C GLN B 57 -1.43 21.12 7.16
N PRO B 58 -2.11 22.24 7.15
CA PRO B 58 -3.58 22.20 6.95
C PRO B 58 -3.92 21.62 5.59
N MET B 59 -5.06 20.92 5.52
CA MET B 59 -5.50 20.38 4.25
C MET B 59 -7.02 20.21 4.30
N ASP B 60 -7.64 20.29 3.13
CA ASP B 60 -9.09 20.20 3.01
C ASP B 60 -9.44 19.74 1.60
N MET B 61 -10.70 19.31 1.44
CA MET B 61 -11.08 18.76 0.14
C MET B 61 -11.14 19.82 -0.94
N GLY B 62 -11.46 21.07 -0.58
CA GLY B 62 -11.45 22.11 -1.59
C GLY B 62 -10.06 22.34 -2.17
N THR B 63 -9.04 22.26 -1.32
CA THR B 63 -7.67 22.41 -1.80
C THR B 63 -7.26 21.22 -2.68
N ILE B 64 -7.63 20.00 -2.26
CA ILE B 64 -7.34 18.81 -3.06
C ILE B 64 -8.05 18.87 -4.40
N LYS B 65 -9.33 19.25 -4.38
CA LYS B 65 -10.10 19.34 -5.63
C LYS B 65 -9.46 20.34 -6.61
N ARG B 66 -9.07 21.51 -6.12
CA ARG B 66 -8.41 22.49 -6.98
C ARG B 66 -7.09 21.97 -7.53
N ARG B 67 -6.33 21.24 -6.71
CA ARG B 67 -5.09 20.63 -7.20
C ARG B 67 -5.36 19.61 -8.30
N LEU B 68 -6.41 18.81 -8.15
CA LEU B 68 -6.78 17.85 -9.19
C LEU B 68 -7.18 18.57 -10.47
N GLU B 69 -7.90 19.68 -10.35
CA GLU B 69 -8.34 20.41 -11.54
C GLU B 69 -7.19 21.13 -12.24
N ASN B 70 -6.14 21.49 -11.49
CA ASN B 70 -5.02 22.21 -12.06
C ASN B 70 -3.84 21.31 -12.40
N ASN B 71 -4.05 19.99 -12.38
CA ASN B 71 -3.01 19.02 -12.72
C ASN B 71 -1.75 19.23 -11.88
N TYR B 72 -1.97 19.44 -10.58
CA TYR B 72 -0.88 19.65 -9.64
C TYR B 72 -0.14 18.37 -9.30
N TYR B 73 -0.85 17.24 -9.27
CA TYR B 73 -0.28 16.00 -8.80
C TYR B 73 0.40 15.26 -9.94
N TRP B 74 1.55 14.66 -9.63
CA TRP B 74 2.23 13.80 -10.58
C TRP B 74 1.75 12.36 -10.53
N ALA B 75 1.28 11.91 -9.35
CA ALA B 75 0.90 10.52 -9.15
C ALA B 75 -0.26 10.44 -8.17
N ALA B 76 -1.07 9.39 -8.30
CA ALA B 76 -2.21 9.20 -7.41
C ALA B 76 -1.81 9.18 -5.93
N SER B 77 -0.65 8.58 -5.62
CA SER B 77 -0.24 8.50 -4.22
C SER B 77 -0.10 9.88 -3.59
N GLU B 78 0.32 10.88 -4.36
CA GLU B 78 0.45 12.22 -3.80
C GLU B 78 -0.90 12.78 -3.38
N CYS B 79 -1.92 12.55 -4.21
CA CYS B 79 -3.26 12.98 -3.87
C CYS B 79 -3.78 12.21 -2.65
N MET B 80 -3.56 10.88 -2.62
CA MET B 80 -3.99 10.08 -1.47
C MET B 80 -3.34 10.57 -0.17
N GLN B 81 -2.09 11.02 -0.24
CA GLN B 81 -1.45 11.55 0.97
C GLN B 81 -2.12 12.82 1.45
N ASP B 82 -2.59 13.67 0.52
CA ASP B 82 -3.33 14.87 0.98
C ASP B 82 -4.64 14.51 1.65
N PHE B 83 -5.38 13.54 1.10
CA PHE B 83 -6.57 13.07 1.80
C PHE B 83 -6.22 12.60 3.21
N ASN B 84 -5.15 11.83 3.32
CA ASN B 84 -4.74 11.32 4.62
C ASN B 84 -4.40 12.45 5.60
N THR B 85 -3.67 13.46 5.13
CA THR B 85 -3.34 14.58 5.98
C THR B 85 -4.59 15.28 6.49
N MET B 86 -5.57 15.49 5.61
CA MET B 86 -6.82 16.12 6.03
C MET B 86 -7.46 15.35 7.19
N PHE B 87 -7.58 14.02 7.06
CA PHE B 87 -8.23 13.24 8.13
C PHE B 87 -7.36 13.20 9.39
N THR B 88 -6.07 12.98 9.22
CA THR B 88 -5.16 12.88 10.35
C THR B 88 -5.16 14.18 11.15
N ASN B 89 -5.17 15.34 10.46
CA ASN B 89 -5.23 16.62 11.19
C ASN B 89 -6.43 16.67 12.13
N CYS B 90 -7.58 16.21 11.64
CA CYS B 90 -8.81 16.17 12.43
C CYS B 90 -8.63 15.30 13.68
N TYR B 91 -8.08 14.11 13.51
CA TYR B 91 -7.93 13.24 14.68
C TYR B 91 -6.94 13.81 15.68
N ILE B 92 -5.85 14.45 15.19
CA ILE B 92 -4.82 14.95 16.08
C ILE B 92 -5.33 16.16 16.87
N TYR B 93 -6.00 17.10 16.19
CA TYR B 93 -6.38 18.34 16.87
C TYR B 93 -7.60 18.17 17.80
N ASN B 94 -8.64 17.49 17.35
CA ASN B 94 -9.89 17.54 18.08
C ASN B 94 -9.90 16.58 19.28
N LYS B 95 -10.84 16.83 20.20
CA LYS B 95 -11.03 15.91 21.32
C LYS B 95 -11.63 14.60 20.80
N PRO B 96 -11.28 13.48 21.42
CA PRO B 96 -11.80 12.18 20.96
C PRO B 96 -13.30 12.14 20.88
N THR B 97 -14.00 12.85 21.78
CA THR B 97 -15.46 12.81 21.84
C THR B 97 -16.14 13.77 20.87
N ASP B 98 -15.39 14.59 20.14
CA ASP B 98 -16.02 15.56 19.23
C ASP B 98 -16.70 14.86 18.06
N ASP B 99 -17.88 15.37 17.68
CA ASP B 99 -18.60 14.80 16.54
C ASP B 99 -17.78 14.82 15.26
N ILE B 100 -16.91 15.81 15.10
CA ILE B 100 -16.14 15.92 13.85
C ILE B 100 -15.24 14.70 13.68
N VAL B 101 -14.78 14.09 14.78
CA VAL B 101 -13.96 12.90 14.69
C VAL B 101 -14.77 11.74 14.07
N LEU B 102 -16.02 11.59 14.50
CA LEU B 102 -16.87 10.52 13.93
C LEU B 102 -17.18 10.81 12.47
N MET B 103 -17.38 12.08 12.11
CA MET B 103 -17.60 12.44 10.71
C MET B 103 -16.39 12.10 9.85
N ALA B 104 -15.18 12.43 10.32
CA ALA B 104 -13.98 12.10 9.56
C ALA B 104 -13.81 10.59 9.40
N GLN B 105 -14.03 9.83 10.47
CA GLN B 105 -13.93 8.36 10.38
C GLN B 105 -14.87 7.80 9.33
N THR B 106 -16.10 8.32 9.27
CA THR B 106 -17.07 7.85 8.29
C THR B 106 -16.60 8.12 6.88
N LEU B 107 -16.10 9.33 6.64
CA LEU B 107 -15.60 9.70 5.31
C LEU B 107 -14.36 8.90 4.95
N GLU B 108 -13.46 8.70 5.93
CA GLU B 108 -12.22 7.96 5.65
C GLU B 108 -12.52 6.51 5.27
N LYS B 109 -13.56 5.90 5.87
CA LYS B 109 -13.89 4.53 5.47
C LYS B 109 -14.35 4.48 4.01
N ILE B 110 -15.12 5.47 3.58
CA ILE B 110 -15.56 5.52 2.18
C ILE B 110 -14.37 5.71 1.26
N PHE B 111 -13.47 6.62 1.63
CA PHE B 111 -12.25 6.83 0.88
C PHE B 111 -11.49 5.51 0.67
N LEU B 112 -11.27 4.76 1.75
CA LEU B 112 -10.53 3.50 1.60
C LEU B 112 -11.28 2.51 0.73
N GLN B 113 -12.61 2.41 0.89
CA GLN B 113 -13.38 1.49 0.06
C GLN B 113 -13.24 1.82 -1.40
N LYS B 114 -13.31 3.11 -1.73
CA LYS B 114 -13.23 3.51 -3.14
C LYS B 114 -11.80 3.35 -3.68
N VAL B 115 -10.79 3.62 -2.84
CA VAL B 115 -9.40 3.45 -3.24
C VAL B 115 -9.10 1.99 -3.54
N ALA B 116 -9.78 1.07 -2.85
CA ALA B 116 -9.56 -0.35 -3.11
C ALA B 116 -9.91 -0.73 -4.55
N SER B 117 -10.79 0.02 -5.21
CA SER B 117 -11.21 -0.30 -6.57
C SER B 117 -10.62 0.62 -7.63
N MET B 118 -9.60 1.40 -7.26
CA MET B 118 -8.90 2.24 -8.22
C MET B 118 -8.11 1.39 -9.22
N PRO B 119 -7.97 1.84 -10.47
CA PRO B 119 -7.13 1.11 -11.45
C PRO B 119 -5.72 0.84 -10.96
N GLN B 120 -5.20 -0.34 -11.32
CA GLN B 120 -3.99 -0.85 -10.67
C GLN B 120 -2.74 -0.09 -11.12
N GLU B 121 -2.52 0.00 -12.43
CA GLU B 121 -1.33 0.62 -13.00
C GLU B 121 -1.64 2.03 -13.48
N GLU B 122 -0.83 3.00 -13.05
CA GLU B 122 -1.03 4.40 -13.42
C GLU B 122 -0.57 4.63 -14.85
N GLN B 123 -1.38 5.33 -15.64
CA GLN B 123 -1.09 5.62 -17.04
C GLN B 123 -1.51 7.04 -17.36
N GLU B 124 -0.62 7.79 -18.01
CA GLU B 124 -0.89 9.18 -18.38
C GLU B 124 -2.10 9.35 -19.29
N THR C 14 32.28 -12.21 -14.81
CA THR C 14 31.80 -12.11 -16.18
C THR C 14 30.94 -10.87 -16.37
N ASN C 15 31.28 -10.05 -17.37
CA ASN C 15 30.51 -8.83 -17.61
C ASN C 15 29.05 -9.14 -17.91
N GLN C 16 28.77 -10.28 -18.56
CA GLN C 16 27.38 -10.64 -18.86
C GLN C 16 26.57 -10.89 -17.60
N LEU C 17 27.10 -11.71 -16.69
CA LEU C 17 26.37 -12.00 -15.46
C LEU C 17 26.28 -10.76 -14.58
N GLN C 18 27.33 -9.93 -14.57
CA GLN C 18 27.27 -8.66 -13.82
C GLN C 18 26.20 -7.74 -14.39
N TYR C 19 26.05 -7.74 -15.71
CA TYR C 19 24.98 -6.97 -16.34
C TYR C 19 23.60 -7.51 -15.95
N LEU C 20 23.42 -8.82 -16.01
CA LEU C 20 22.14 -9.41 -15.62
C LEU C 20 21.79 -9.10 -14.17
N HIS C 21 22.80 -8.96 -13.31
CA HIS C 21 22.54 -8.64 -11.91
C HIS C 21 22.30 -7.15 -11.71
N LYS C 22 23.25 -6.31 -12.16
CA LYS C 22 23.25 -4.89 -11.84
C LYS C 22 22.30 -4.08 -12.70
N VAL C 23 21.91 -4.59 -13.87
CA VAL C 23 21.01 -3.89 -14.79
C VAL C 23 19.67 -4.59 -14.89
N VAL C 24 19.67 -5.89 -15.25
CA VAL C 24 18.42 -6.57 -15.53
C VAL C 24 17.67 -6.86 -14.23
N MET C 25 18.31 -7.56 -13.28
CA MET C 25 17.61 -7.88 -12.03
C MET C 25 17.28 -6.62 -11.23
N LYS C 26 18.18 -5.63 -11.26
CA LYS C 26 17.89 -4.36 -10.59
C LYS C 26 16.58 -3.76 -11.09
N ALA C 27 16.36 -3.78 -12.41
CA ALA C 27 15.15 -3.21 -12.99
C ALA C 27 13.92 -4.07 -12.70
N LEU C 28 14.04 -5.39 -12.87
CA LEU C 28 12.89 -6.26 -12.67
C LEU C 28 12.48 -6.35 -11.20
N TRP C 29 13.45 -6.40 -10.29
CA TRP C 29 13.13 -6.61 -8.87
C TRP C 29 12.26 -5.47 -8.32
N LYS C 30 12.52 -4.24 -8.74
CA LYS C 30 11.83 -3.09 -8.19
C LYS C 30 10.58 -2.71 -8.96
N HIS C 31 10.28 -3.43 -10.04
CA HIS C 31 9.13 -3.10 -10.87
C HIS C 31 7.84 -3.35 -10.09
N GLN C 32 6.83 -2.53 -10.36
CA GLN C 32 5.57 -2.66 -9.61
C GLN C 32 4.88 -4.00 -9.84
N PHE C 33 5.19 -4.69 -10.93
CA PHE C 33 4.59 -5.99 -11.23
C PHE C 33 5.42 -7.16 -10.71
N ALA C 34 6.52 -6.91 -10.00
CA ALA C 34 7.41 -7.99 -9.60
C ALA C 34 6.89 -8.79 -8.42
N TRP C 35 6.01 -8.21 -7.61
CA TRP C 35 5.71 -8.80 -6.30
C TRP C 35 5.22 -10.25 -6.34
N PRO C 36 4.42 -10.72 -7.33
CA PRO C 36 4.04 -12.13 -7.34
C PRO C 36 5.20 -13.06 -7.60
N PHE C 37 6.31 -12.53 -8.12
CA PHE C 37 7.43 -13.34 -8.56
C PHE C 37 8.61 -13.31 -7.62
N ARG C 38 8.55 -12.55 -6.52
CA ARG C 38 9.74 -12.37 -5.69
C ARG C 38 10.05 -13.55 -4.78
N GLN C 39 9.14 -14.51 -4.66
CA GLN C 39 9.29 -15.64 -3.77
C GLN C 39 8.69 -16.84 -4.48
N PRO C 40 9.10 -18.06 -4.09
CA PRO C 40 8.54 -19.25 -4.77
C PRO C 40 7.04 -19.32 -4.59
N VAL C 41 6.36 -19.89 -5.60
CA VAL C 41 4.94 -20.19 -5.43
C VAL C 41 4.79 -21.16 -4.26
N ASP C 42 3.93 -20.81 -3.30
CA ASP C 42 3.61 -21.68 -2.17
C ASP C 42 2.25 -22.31 -2.45
N ALA C 43 2.26 -23.49 -3.07
CA ALA C 43 1.01 -24.11 -3.54
C ALA C 43 0.09 -24.47 -2.39
N VAL C 44 0.66 -24.72 -1.21
CA VAL C 44 -0.18 -25.02 -0.05
C VAL C 44 -0.89 -23.76 0.41
N LYS C 45 -0.14 -22.68 0.66
CA LYS C 45 -0.73 -21.47 1.21
C LYS C 45 -1.67 -20.79 0.22
N LEU C 46 -1.45 -20.98 -1.08
CA LEU C 46 -2.33 -20.45 -2.11
C LEU C 46 -3.46 -21.40 -2.48
N GLY C 47 -3.53 -22.57 -1.85
CA GLY C 47 -4.55 -23.55 -2.19
C GLY C 47 -4.53 -24.01 -3.63
N LEU C 48 -3.34 -24.32 -4.15
CA LEU C 48 -3.16 -24.80 -5.53
C LEU C 48 -2.57 -26.21 -5.50
N PRO C 49 -3.38 -27.21 -5.12
CA PRO C 49 -2.85 -28.58 -4.97
C PRO C 49 -2.32 -29.19 -6.25
N ASP C 50 -2.66 -28.65 -7.42
CA ASP C 50 -2.19 -29.22 -8.67
C ASP C 50 -1.02 -28.47 -9.26
N TYR C 51 -0.57 -27.38 -8.61
CA TYR C 51 0.53 -26.59 -9.13
C TYR C 51 1.75 -27.45 -9.47
N HIS C 52 2.23 -28.26 -8.51
CA HIS C 52 3.42 -29.03 -8.82
C HIS C 52 3.14 -30.30 -9.62
N LYS C 53 1.87 -30.62 -9.89
CA LYS C 53 1.60 -31.66 -10.87
C LYS C 53 1.76 -31.14 -12.30
N ILE C 54 1.51 -29.86 -12.50
CA ILE C 54 1.58 -29.26 -13.85
C ILE C 54 2.95 -28.67 -14.12
N ILE C 55 3.51 -27.98 -13.12
CA ILE C 55 4.76 -27.24 -13.27
C ILE C 55 5.90 -28.13 -12.76
N LYS C 56 6.82 -28.46 -13.66
CA LYS C 56 7.88 -29.40 -13.30
C LYS C 56 9.09 -28.73 -12.66
N GLN C 57 9.39 -27.49 -13.01
CA GLN C 57 10.57 -26.77 -12.52
C GLN C 57 10.14 -25.39 -12.02
N PRO C 58 9.73 -25.27 -10.77
CA PRO C 58 9.42 -23.95 -10.21
C PRO C 58 10.64 -23.04 -10.24
N MET C 59 10.37 -21.75 -10.45
CA MET C 59 11.42 -20.75 -10.44
C MET C 59 10.81 -19.41 -10.05
N ASP C 60 11.61 -18.57 -9.40
CA ASP C 60 11.14 -17.27 -8.96
C ASP C 60 12.31 -16.30 -8.96
N MET C 61 11.99 -15.00 -8.90
CA MET C 61 13.04 -13.97 -8.92
C MET C 61 13.90 -13.98 -7.66
N GLY C 62 13.32 -14.33 -6.51
CA GLY C 62 14.13 -14.39 -5.30
C GLY C 62 15.25 -15.40 -5.42
N THR C 63 14.95 -16.56 -6.00
CA THR C 63 15.96 -17.59 -6.24
C THR C 63 17.02 -17.12 -7.23
N ILE C 64 16.58 -16.49 -8.33
CA ILE C 64 17.52 -15.99 -9.34
C ILE C 64 18.41 -14.93 -8.72
N LYS C 65 17.82 -14.02 -7.95
CA LYS C 65 18.61 -12.94 -7.36
C LYS C 65 19.63 -13.49 -6.40
N ARG C 66 19.24 -14.45 -5.57
CA ARG C 66 20.17 -15.07 -4.65
C ARG C 66 21.28 -15.80 -5.39
N ARG C 67 20.95 -16.43 -6.52
CA ARG C 67 21.98 -17.12 -7.29
C ARG C 67 22.97 -16.14 -7.90
N LEU C 68 22.48 -14.99 -8.39
CA LEU C 68 23.37 -13.96 -8.90
C LEU C 68 24.28 -13.42 -7.80
N GLU C 69 23.72 -13.18 -6.61
CA GLU C 69 24.51 -12.68 -5.50
C GLU C 69 25.59 -13.66 -5.06
N ASN C 70 25.38 -14.96 -5.28
CA ASN C 70 26.32 -15.95 -4.78
C ASN C 70 27.16 -16.58 -5.88
N ASN C 71 27.14 -16.02 -7.10
CA ASN C 71 28.02 -16.48 -8.18
C ASN C 71 27.69 -17.90 -8.59
N TYR C 72 26.43 -18.27 -8.40
CA TYR C 72 25.98 -19.61 -8.73
C TYR C 72 26.11 -19.90 -10.22
N TYR C 73 25.74 -18.96 -11.07
CA TYR C 73 25.56 -19.26 -12.49
C TYR C 73 26.88 -19.54 -13.17
N TRP C 74 26.90 -20.64 -13.91
CA TRP C 74 28.06 -21.00 -14.73
C TRP C 74 28.17 -20.10 -15.96
N ALA C 75 27.04 -19.65 -16.52
CA ALA C 75 27.03 -18.77 -17.68
C ALA C 75 25.74 -17.97 -17.72
N ALA C 76 25.77 -16.87 -18.49
CA ALA C 76 24.61 -15.99 -18.61
C ALA C 76 23.39 -16.73 -19.14
N SER C 77 23.60 -17.63 -20.11
CA SER C 77 22.48 -18.37 -20.67
C SER C 77 21.69 -19.10 -19.59
N GLU C 78 22.37 -19.58 -18.54
CA GLU C 78 21.69 -20.28 -17.46
C GLU C 78 20.75 -19.36 -16.70
N CYS C 79 21.20 -18.14 -16.43
CA CYS C 79 20.34 -17.16 -15.76
C CYS C 79 19.15 -16.79 -16.63
N MET C 80 19.40 -16.56 -17.92
CA MET C 80 18.29 -16.26 -18.83
C MET C 80 17.27 -17.39 -18.89
N GLN C 81 17.74 -18.65 -18.89
CA GLN C 81 16.80 -19.75 -18.90
C GLN C 81 15.96 -19.76 -17.63
N ASP C 82 16.54 -19.38 -16.48
CA ASP C 82 15.76 -19.35 -15.25
C ASP C 82 14.67 -18.28 -15.31
N PHE C 83 14.99 -17.10 -15.83
CA PHE C 83 13.96 -16.09 -16.06
C PHE C 83 12.87 -16.65 -16.97
N ASN C 84 13.28 -17.30 -18.05
CA ASN C 84 12.32 -17.84 -19.00
C ASN C 84 11.41 -18.87 -18.35
N THR C 85 11.99 -19.75 -17.53
CA THR C 85 11.20 -20.75 -16.84
C THR C 85 10.16 -20.10 -15.94
N MET C 86 10.57 -19.09 -15.19
CA MET C 86 9.64 -18.40 -14.30
C MET C 86 8.43 -17.86 -15.06
N PHE C 87 8.68 -17.15 -16.15
CA PHE C 87 7.58 -16.60 -16.93
C PHE C 87 6.73 -17.71 -17.57
N THR C 88 7.40 -18.69 -18.18
CA THR C 88 6.68 -19.79 -18.84
C THR C 88 5.77 -20.53 -17.85
N ASN C 89 6.26 -20.79 -16.63
CA ASN C 89 5.40 -21.47 -15.65
C ASN C 89 4.10 -20.71 -15.43
N CYS C 90 4.20 -19.39 -15.36
CA CYS C 90 3.03 -18.56 -15.16
C CYS C 90 2.05 -18.69 -16.33
N TYR C 91 2.57 -18.63 -17.57
CA TYR C 91 1.69 -18.75 -18.74
C TYR C 91 1.02 -20.12 -18.80
N ILE C 92 1.76 -21.17 -18.45
CA ILE C 92 1.21 -22.51 -18.58
C ILE C 92 0.15 -22.76 -17.52
N TYR C 93 0.43 -22.35 -16.27
CA TYR C 93 -0.47 -22.73 -15.18
C TYR C 93 -1.72 -21.87 -15.10
N ASN C 94 -1.60 -20.56 -15.32
CA ASN C 94 -2.69 -19.64 -15.00
C ASN C 94 -3.68 -19.52 -16.17
N LYS C 95 -4.91 -19.10 -15.83
CA LYS C 95 -5.91 -18.81 -16.86
C LYS C 95 -5.44 -17.62 -17.71
N PRO C 96 -5.79 -17.62 -19.02
CA PRO C 96 -5.30 -16.53 -19.87
C PRO C 96 -5.72 -15.15 -19.39
N THR C 97 -6.88 -15.04 -18.74
CA THR C 97 -7.42 -13.77 -18.25
C THR C 97 -6.89 -13.35 -16.88
N ASP C 98 -6.09 -14.18 -16.21
CA ASP C 98 -5.54 -13.80 -14.91
C ASP C 98 -4.65 -12.57 -15.04
N ASP C 99 -4.74 -11.68 -14.03
CA ASP C 99 -3.87 -10.50 -13.97
C ASP C 99 -2.39 -10.87 -14.05
N ILE C 100 -2.01 -11.95 -13.38
CA ILE C 100 -0.59 -12.31 -13.30
C ILE C 100 -0.02 -12.59 -14.67
N VAL C 101 -0.86 -13.02 -15.62
CA VAL C 101 -0.36 -13.30 -16.96
C VAL C 101 0.05 -12.00 -17.64
N LEU C 102 -0.75 -10.95 -17.48
CA LEU C 102 -0.38 -9.66 -18.05
CA LEU C 102 -0.39 -9.65 -18.05
C LEU C 102 0.85 -9.08 -17.35
N MET C 103 0.96 -9.28 -16.03
CA MET C 103 2.15 -8.84 -15.33
C MET C 103 3.40 -9.54 -15.85
N ALA C 104 3.32 -10.85 -16.05
CA ALA C 104 4.47 -11.59 -16.59
C ALA C 104 4.84 -11.07 -17.97
N GLN C 105 3.83 -10.83 -18.83
CA GLN C 105 4.14 -10.36 -20.17
C GLN C 105 4.87 -9.02 -20.15
N THR C 106 4.44 -8.12 -19.27
CA THR C 106 5.09 -6.82 -19.15
C THR C 106 6.54 -6.99 -18.70
N LEU C 107 6.77 -7.80 -17.67
CA LEU C 107 8.13 -8.01 -17.17
C LEU C 107 8.99 -8.72 -18.19
N GLU C 108 8.43 -9.70 -18.88
CA GLU C 108 9.20 -10.44 -19.87
C GLU C 108 9.67 -9.54 -21.00
N LYS C 109 8.81 -8.61 -21.43
CA LYS C 109 9.23 -7.69 -22.49
C LYS C 109 10.40 -6.82 -22.05
N ILE C 110 10.36 -6.34 -20.80
CA ILE C 110 11.48 -5.57 -20.27
C ILE C 110 12.74 -6.42 -20.23
N PHE C 111 12.61 -7.66 -19.76
CA PHE C 111 13.72 -8.58 -19.69
C PHE C 111 14.40 -8.73 -21.05
N LEU C 112 13.60 -8.97 -22.09
CA LEU C 112 14.18 -9.18 -23.42
C LEU C 112 14.79 -7.90 -23.98
N GLN C 113 14.17 -6.76 -23.71
CA GLN C 113 14.74 -5.50 -24.16
C GLN C 113 16.13 -5.29 -23.56
N LYS C 114 16.29 -5.61 -22.28
CA LYS C 114 17.58 -5.41 -21.63
C LYS C 114 18.59 -6.45 -22.09
N VAL C 115 18.14 -7.69 -22.30
CA VAL C 115 19.05 -8.73 -22.78
C VAL C 115 19.64 -8.35 -24.14
N ALA C 116 18.86 -7.70 -25.00
CA ALA C 116 19.38 -7.32 -26.31
C ALA C 116 20.59 -6.39 -26.20
N SER C 117 20.67 -5.59 -25.13
CA SER C 117 21.80 -4.69 -24.94
C SER C 117 22.86 -5.25 -24.00
N MET C 118 22.81 -6.56 -23.76
CA MET C 118 23.79 -7.19 -22.89
C MET C 118 25.17 -7.18 -23.57
N PRO C 119 26.25 -6.96 -22.82
CA PRO C 119 27.58 -7.06 -23.42
C PRO C 119 27.82 -8.47 -23.95
N GLN C 120 28.71 -8.57 -24.95
CA GLN C 120 28.92 -9.83 -25.66
C GLN C 120 29.45 -10.96 -24.77
S SO4 D . 13.11 -3.89 15.67
O1 SO4 D . 12.20 -4.70 16.46
O2 SO4 D . 13.04 -2.50 16.14
O3 SO4 D . 12.76 -3.95 14.25
O4 SO4 D . 14.48 -4.40 15.83
N3 G3J E . 5.99 0.18 24.39
C10 G3J E . 3.24 4.56 22.99
C13 G3J E . -0.53 4.50 23.63
C15 G3J E . 0.25 3.58 20.75
C20 G3J E . 4.11 2.23 23.22
C21 G3J E . 1.75 1.25 22.11
C22 G3J E . 2.76 0.37 22.48
C24 G3J E . 5.00 -0.10 23.49
C03 G3J E . 8.06 5.86 22.24
C04 G3J E . 7.80 6.08 23.60
C05 G3J E . 6.57 5.74 24.13
C06 G3J E . 7.08 5.32 21.42
C07 G3J E . 5.84 4.99 21.96
C08 G3J E . 5.58 5.20 23.31
C1 G3J E . 5.12 -1.45 23.15
C11 G3J E . 1.94 5.03 23.64
C12 G3J E . 0.70 4.75 22.78
C16 G3J E . 0.81 2.88 19.55
C18 G3J E . 1.93 2.63 22.26
C19 G3J E . 3.09 3.10 22.82
C2 G3J E . 6.22 -1.96 23.82
C23 G3J E . 3.94 0.85 23.04
N09 G3J E . 4.37 4.86 23.84
N14 G3J E . 0.95 3.61 21.89
N4 G3J E . 6.75 -0.98 24.58
O17 G3J E . -0.83 4.15 20.66
CL2 G3J E . 6.24 6.01 25.88
N3 G3J F . -17.82 25.10 10.85
C10 G3J F . -15.04 21.47 13.73
C13 G3J F . -11.32 22.24 13.97
C15 G3J F . -12.05 20.16 11.68
C20 G3J F . -15.93 22.95 11.92
C21 G3J F . -13.58 22.60 10.50
C22 G3J F . -14.60 23.40 9.97
C24 G3J F . -16.88 24.45 10.14
C03 G3J F . -19.78 19.94 14.26
C04 G3J F . -19.62 20.97 15.17
C05 G3J F . -18.41 21.66 15.23
C06 G3J F . -18.75 19.57 13.41
C07 G3J F . -17.54 20.26 13.47
C08 G3J F . -17.37 21.30 14.39
C1 G3J F . -17.11 24.74 8.80
C11 G3J F . -13.74 21.76 14.49
C12 G3J F . -12.48 21.26 13.77
C16 G3J F . -12.55 19.61 10.38
C18 G3J F . -13.73 21.95 11.73
C19 G3J F . -14.91 22.16 12.43
C2 G3J F . -18.20 25.57 8.71
C23 G3J F . -15.78 23.58 10.68
N09 G3J F . -16.19 21.97 14.45
N14 G3J F . -12.75 21.12 12.33
N4 G3J F . -18.65 25.80 9.96
O17 G3J F . -11.01 19.72 12.16
CL2 G3J F . -18.19 23.01 16.40
N1 EPE G . -25.69 21.25 6.91
C2 EPE G . -24.82 20.82 8.01
C3 EPE G . -24.64 21.88 9.11
N4 EPE G . -24.38 23.18 8.52
C5 EPE G . -25.22 23.59 7.42
C6 EPE G . -26.31 22.56 7.20
C7 EPE G . -23.38 24.08 9.06
C8 EPE G . -23.17 25.31 8.18
O8 EPE G . -21.91 25.91 8.42
C9 EPE G . -24.96 21.28 5.62
C10 EPE G . -25.21 20.03 4.78
S EPE G . -24.87 20.19 2.99
O1S EPE G . -24.10 21.38 2.71
O2S EPE G . -24.13 19.00 2.56
O3S EPE G . -26.12 20.26 2.28
C1 EDO H . 0.87 -19.63 -9.80
O1 EDO H . 1.22 -19.07 -11.08
C2 EDO H . 0.30 -18.55 -8.91
O2 EDO H . -0.82 -17.96 -9.57
#